data_8PO4
#
_entry.id   8PO4
#
_cell.length_a   156.481
_cell.length_b   71.199
_cell.length_c   76.543
_cell.angle_alpha   90.00
_cell.angle_beta   113.00
_cell.angle_gamma   90.00
#
_symmetry.space_group_name_H-M   'C 1 2 1'
#
loop_
_entity.id
_entity.type
_entity.pdbx_description
1 polymer 'Epidermal growth factor receptor'
2 non-polymer 1-cyclopropyl-~{N}-[3-[1-(1-propanoylazetidin-3-yl)-4-pyridin-4-yl-pyrazol-3-yl]phenyl]imidazole-4-carboxamide
3 non-polymer "ADENOSINE-5'-TRIPHOSPHATE"
4 non-polymer 'MAGNESIUM ION'
5 water water
#
_entity_poly.entity_id   1
_entity_poly.type   'polypeptide(L)'
_entity_poly.pdbx_seq_one_letter_code
;SGEAPNQALLRILKETEFKKIKVLGSGAFGTVYKGLWIPEGEKVKIPVAIKELREATSPKANKEILDEAYVMASVDNPHV
CRLLGICLTSTVQLITQLMPFGCLLDYVREHKDNIGSQYLLNWCVQIAKGMNYLEDRRLVHRDLAARNVLVKTPQHVKIT
DFGLAKLLGAEEKEYHAEGGKVPIKWMALESILHRIYTHQSDVWSYGVTVWELMTFGSKPYDGIPASEISSILEKGERLP
QPPICTIDVYMIMRKCWMIDADSRPKFRELIIEFSKMARDPQRYLVIQGDERMHLPSPTDSNFYRALMDEEDMDDVVDAD
EYLIPQQG
;
_entity_poly.pdbx_strand_id   A,B
#
# COMPACT_ATOMS: atom_id res chain seq x y z
N ASN A 6 23.41 -8.43 -24.31
CA ASN A 6 22.87 -9.65 -24.90
C ASN A 6 21.35 -9.55 -24.99
N GLN A 7 20.81 -9.54 -26.23
CA GLN A 7 19.37 -9.43 -26.46
C GLN A 7 18.57 -10.64 -26.00
N ALA A 8 19.21 -11.79 -25.80
CA ALA A 8 18.53 -13.00 -25.34
C ALA A 8 18.05 -12.90 -23.88
N LEU A 9 18.57 -11.94 -23.11
CA LEU A 9 18.19 -11.80 -21.69
C LEU A 9 16.93 -10.96 -21.45
N LEU A 10 16.42 -10.27 -22.47
CA LEU A 10 15.21 -9.46 -22.28
C LEU A 10 14.13 -9.88 -23.25
N ARG A 11 12.97 -10.31 -22.73
CA ARG A 11 11.87 -10.70 -23.58
C ARG A 11 10.95 -9.49 -23.86
N ILE A 12 10.58 -9.25 -25.13
CA ILE A 12 9.64 -8.19 -25.46
C ILE A 12 8.28 -8.85 -25.43
N LEU A 13 7.39 -8.35 -24.58
CA LEU A 13 6.06 -8.92 -24.44
C LEU A 13 5.00 -8.07 -25.15
N LYS A 14 4.01 -8.73 -25.74
CA LYS A 14 2.89 -8.07 -26.38
C LYS A 14 1.75 -8.01 -25.36
N GLU A 15 0.92 -6.96 -25.44
CA GLU A 15 -0.20 -6.78 -24.52
C GLU A 15 -1.17 -7.94 -24.50
N THR A 16 -1.26 -8.69 -25.61
CA THR A 16 -2.20 -9.80 -25.69
C THR A 16 -1.76 -11.04 -24.86
N GLU A 17 -0.44 -11.24 -24.64
CA GLU A 17 0.00 -12.44 -23.90
C GLU A 17 0.04 -12.31 -22.38
N PHE A 18 -0.26 -11.13 -21.80
CA PHE A 18 -0.28 -11.00 -20.34
C PHE A 18 -1.38 -10.08 -19.86
N LYS A 19 -1.82 -10.25 -18.60
CA LYS A 19 -2.88 -9.42 -18.03
C LYS A 19 -2.54 -9.07 -16.59
N LYS A 20 -2.74 -7.80 -16.17
CA LYS A 20 -2.60 -7.44 -14.77
C LYS A 20 -3.88 -7.93 -14.08
N ILE A 21 -3.76 -8.55 -12.89
CA ILE A 21 -4.92 -9.09 -12.20
C ILE A 21 -5.18 -8.49 -10.84
N LYS A 22 -4.14 -8.00 -10.16
CA LYS A 22 -4.31 -7.48 -8.80
C LYS A 22 -3.22 -6.46 -8.48
N VAL A 23 -3.56 -5.39 -7.75
CA VAL A 23 -2.56 -4.40 -7.35
C VAL A 23 -1.81 -4.92 -6.16
N LEU A 24 -0.49 -4.88 -6.19
CA LEU A 24 0.35 -5.35 -5.07
C LEU A 24 0.89 -4.20 -4.22
N GLY A 25 1.00 -3.03 -4.81
CA GLY A 25 1.52 -1.85 -4.17
C GLY A 25 1.94 -0.83 -5.19
N SER A 26 2.79 0.10 -4.78
CA SER A 26 3.26 1.15 -5.67
C SER A 26 4.50 1.86 -5.10
N GLY A 27 5.07 2.73 -5.89
CA GLY A 27 6.17 3.57 -5.49
C GLY A 27 6.24 4.85 -6.30
N ALA A 28 7.36 5.58 -6.16
CA ALA A 28 7.54 6.81 -6.91
C ALA A 28 7.57 6.58 -8.42
N PHE A 29 7.99 5.38 -8.85
CA PHE A 29 8.10 5.07 -10.26
C PHE A 29 6.81 4.54 -10.90
N GLY A 30 5.94 3.90 -10.11
CA GLY A 30 4.66 3.41 -10.67
C GLY A 30 3.91 2.44 -9.79
N THR A 31 2.88 1.82 -10.34
CA THR A 31 2.07 0.84 -9.60
C THR A 31 2.61 -0.57 -9.91
N VAL A 32 2.59 -1.44 -8.91
CA VAL A 32 3.03 -2.82 -9.06
C VAL A 32 1.79 -3.73 -9.05
N TYR A 33 1.76 -4.70 -9.95
CA TYR A 33 0.67 -5.63 -10.08
C TYR A 33 1.17 -7.07 -10.09
N LYS A 34 0.28 -7.98 -9.70
CA LYS A 34 0.43 -9.40 -9.90
C LYS A 34 -0.25 -9.58 -11.25
N GLY A 35 0.42 -10.22 -12.16
CA GLY A 35 -0.11 -10.47 -13.48
C GLY A 35 -0.07 -11.94 -13.85
N LEU A 36 -0.60 -12.26 -15.02
CA LEU A 36 -0.59 -13.63 -15.52
C LEU A 36 -0.09 -13.60 -16.92
N TRP A 37 0.91 -14.41 -17.20
CA TRP A 37 1.46 -14.55 -18.53
C TRP A 37 0.86 -15.83 -19.14
N ILE A 38 0.33 -15.74 -20.34
CA ILE A 38 -0.19 -16.91 -21.04
C ILE A 38 0.67 -17.07 -22.26
N PRO A 39 1.59 -18.06 -22.23
CA PRO A 39 2.45 -18.28 -23.41
C PRO A 39 1.59 -18.61 -24.63
N GLU A 40 1.95 -18.10 -25.81
CA GLU A 40 1.14 -18.29 -27.02
C GLU A 40 0.85 -19.75 -27.33
N GLY A 41 -0.44 -20.08 -27.41
CA GLY A 41 -0.91 -21.42 -27.70
C GLY A 41 -1.08 -22.32 -26.49
N GLU A 42 -0.78 -21.81 -25.28
CA GLU A 42 -0.87 -22.63 -24.07
C GLU A 42 -2.10 -22.32 -23.23
N LYS A 43 -2.54 -23.28 -22.43
CA LYS A 43 -3.70 -23.06 -21.56
C LYS A 43 -3.30 -22.65 -20.13
N VAL A 44 -2.00 -22.59 -19.82
CA VAL A 44 -1.50 -22.28 -18.49
C VAL A 44 -1.44 -20.77 -18.24
N LYS A 45 -1.73 -20.35 -17.01
CA LYS A 45 -1.62 -18.94 -16.63
C LYS A 45 -0.46 -18.88 -15.62
N ILE A 46 0.66 -18.25 -15.99
CA ILE A 46 1.87 -18.17 -15.17
C ILE A 46 1.96 -16.85 -14.44
N PRO A 47 2.05 -16.87 -13.11
CA PRO A 47 2.11 -15.61 -12.35
C PRO A 47 3.43 -14.87 -12.58
N VAL A 48 3.34 -13.54 -12.73
CA VAL A 48 4.49 -12.65 -12.92
C VAL A 48 4.23 -11.36 -12.08
N ALA A 49 5.25 -10.52 -11.88
CA ALA A 49 5.09 -9.21 -11.24
C ALA A 49 5.28 -8.20 -12.36
N ILE A 50 4.46 -7.16 -12.37
CA ILE A 50 4.52 -6.14 -13.42
C ILE A 50 4.57 -4.77 -12.79
N LYS A 51 5.54 -3.94 -13.17
CA LYS A 51 5.59 -2.56 -12.70
C LYS A 51 5.21 -1.68 -13.90
N GLU A 52 4.14 -0.89 -13.76
CA GLU A 52 3.72 -0.02 -14.86
C GLU A 52 4.19 1.38 -14.50
N LEU A 53 5.13 1.93 -15.27
CA LEU A 53 5.69 3.23 -14.97
C LEU A 53 4.63 4.34 -15.07
N ARG A 54 4.75 5.35 -14.22
CA ARG A 54 3.84 6.47 -14.01
C ARG A 54 3.59 7.35 -15.26
N GLU A 55 4.64 7.93 -15.84
CA GLU A 55 4.51 8.85 -16.96
C GLU A 55 4.25 8.13 -18.28
N ALA A 56 3.35 8.67 -19.11
CA ALA A 56 3.09 8.14 -20.45
C ALA A 56 4.36 8.32 -21.29
N THR A 57 4.57 7.44 -22.26
CA THR A 57 5.81 7.47 -23.03
C THR A 57 5.55 7.63 -24.54
N SER A 58 6.58 8.11 -25.25
CA SER A 58 6.56 8.36 -26.69
C SER A 58 7.41 7.31 -27.44
N PRO A 59 7.19 7.07 -28.75
CA PRO A 59 8.02 6.10 -29.48
C PRO A 59 9.52 6.39 -29.47
N LYS A 60 9.92 7.68 -29.43
CA LYS A 60 11.34 8.05 -29.38
C LYS A 60 11.93 7.68 -28.01
N ALA A 61 11.18 7.96 -26.94
CA ALA A 61 11.62 7.64 -25.59
C ALA A 61 11.68 6.13 -25.43
N ASN A 62 10.69 5.40 -25.97
CA ASN A 62 10.61 3.95 -25.93
C ASN A 62 11.83 3.27 -26.53
N LYS A 63 12.38 3.81 -27.62
CA LYS A 63 13.58 3.23 -28.23
C LYS A 63 14.79 3.39 -27.28
N GLU A 64 14.89 4.53 -26.60
CA GLU A 64 16.00 4.78 -25.68
C GLU A 64 15.84 3.89 -24.45
N ILE A 65 14.61 3.75 -23.95
CA ILE A 65 14.30 2.90 -22.79
C ILE A 65 14.62 1.45 -23.13
N LEU A 66 14.20 0.97 -24.31
CA LEU A 66 14.48 -0.39 -24.76
C LEU A 66 15.98 -0.65 -24.82
N ASP A 67 16.76 0.29 -25.37
CA ASP A 67 18.23 0.13 -25.43
C ASP A 67 18.83 -0.06 -24.02
N GLU A 68 18.39 0.77 -23.07
CA GLU A 68 18.86 0.72 -21.70
C GLU A 68 18.40 -0.58 -21.01
N ALA A 69 17.18 -1.03 -21.31
CA ALA A 69 16.59 -2.22 -20.73
C ALA A 69 17.36 -3.47 -21.11
N TYR A 70 17.93 -3.52 -22.33
CA TYR A 70 18.74 -4.66 -22.77
C TYR A 70 20.00 -4.76 -21.92
N VAL A 71 20.59 -3.63 -21.54
CA VAL A 71 21.76 -3.60 -20.66
C VAL A 71 21.32 -3.97 -19.21
N MET A 72 20.20 -3.41 -18.75
CA MET A 72 19.64 -3.65 -17.41
C MET A 72 19.22 -5.10 -17.18
N ALA A 73 18.75 -5.80 -18.23
CA ALA A 73 18.36 -7.21 -18.10
C ALA A 73 19.57 -8.13 -17.89
N SER A 74 20.82 -7.64 -18.10
CA SER A 74 22.04 -8.43 -17.86
C SER A 74 22.49 -8.42 -16.39
N VAL A 75 21.86 -7.57 -15.54
CA VAL A 75 22.21 -7.47 -14.13
C VAL A 75 21.69 -8.72 -13.43
N ASP A 76 22.58 -9.77 -13.36
CA ASP A 76 22.35 -11.14 -12.87
C ASP A 76 23.13 -11.55 -11.61
N ASN A 77 22.44 -11.65 -10.49
CA ASN A 77 23.03 -12.01 -9.22
C ASN A 77 21.92 -12.61 -8.35
N PRO A 78 22.21 -13.62 -7.50
CA PRO A 78 21.13 -14.23 -6.70
C PRO A 78 20.46 -13.27 -5.72
N HIS A 79 21.07 -12.12 -5.45
CA HIS A 79 20.49 -11.16 -4.51
C HIS A 79 20.00 -9.89 -5.17
N VAL A 80 19.72 -9.93 -6.49
CA VAL A 80 19.22 -8.81 -7.22
C VAL A 80 18.09 -9.35 -8.11
N CYS A 81 16.91 -8.71 -8.12
CA CYS A 81 15.79 -9.16 -8.95
C CYS A 81 16.11 -8.80 -10.39
N ARG A 82 16.08 -9.77 -11.30
CA ARG A 82 16.41 -9.50 -12.69
C ARG A 82 15.19 -9.01 -13.48
N LEU A 83 15.39 -8.00 -14.35
CA LEU A 83 14.31 -7.56 -15.25
C LEU A 83 14.22 -8.67 -16.32
N LEU A 84 13.06 -9.28 -16.48
CA LEU A 84 12.87 -10.39 -17.41
C LEU A 84 12.24 -9.99 -18.73
N GLY A 85 11.29 -9.07 -18.70
CA GLY A 85 10.57 -8.67 -19.88
C GLY A 85 10.11 -7.24 -19.83
N ILE A 86 9.67 -6.74 -20.96
CA ILE A 86 9.25 -5.35 -21.07
C ILE A 86 8.14 -5.25 -22.10
N CYS A 87 7.19 -4.36 -21.86
CA CYS A 87 6.12 -4.12 -22.81
C CYS A 87 6.10 -2.63 -22.99
N LEU A 88 6.46 -2.17 -24.18
CA LEU A 88 6.53 -0.72 -24.45
C LEU A 88 5.42 -0.31 -25.39
N THR A 89 4.39 0.38 -24.87
CA THR A 89 3.23 0.86 -25.64
C THR A 89 3.07 2.39 -25.25
N SER A 90 1.87 2.89 -24.87
CA SER A 90 1.74 4.26 -24.37
C SER A 90 2.29 4.35 -22.90
N THR A 91 2.53 3.18 -22.25
CA THR A 91 3.11 3.02 -20.92
C THR A 91 4.32 2.06 -20.98
N VAL A 92 5.23 2.13 -20.01
CA VAL A 92 6.36 1.20 -19.93
C VAL A 92 6.00 0.20 -18.84
N GLN A 93 5.96 -1.09 -19.16
CA GLN A 93 5.66 -2.12 -18.16
C GLN A 93 6.86 -3.06 -18.07
N LEU A 94 7.36 -3.27 -16.84
CA LEU A 94 8.53 -4.08 -16.53
C LEU A 94 8.06 -5.36 -15.89
N ILE A 95 8.49 -6.50 -16.42
CA ILE A 95 8.06 -7.79 -15.90
C ILE A 95 9.19 -8.49 -15.19
N THR A 96 8.91 -9.01 -13.99
CA THR A 96 9.89 -9.72 -13.21
C THR A 96 9.22 -10.94 -12.56
N GLN A 97 10.02 -11.81 -11.92
CA GLN A 97 9.48 -12.98 -11.22
C GLN A 97 8.66 -12.50 -10.00
N LEU A 98 7.50 -13.11 -9.78
CA LEU A 98 6.67 -12.77 -8.62
C LEU A 98 7.24 -13.34 -7.31
N MET A 99 7.34 -12.50 -6.28
CA MET A 99 7.83 -12.89 -4.96
C MET A 99 6.63 -12.95 -4.02
N PRO A 100 6.02 -14.14 -3.81
CA PRO A 100 4.83 -14.21 -2.95
C PRO A 100 4.99 -13.76 -1.51
N PHE A 101 6.22 -13.74 -0.91
CA PHE A 101 6.37 -13.25 0.47
C PHE A 101 6.38 -11.71 0.62
N GLY A 102 6.43 -10.99 -0.50
CA GLY A 102 6.40 -9.53 -0.48
C GLY A 102 7.73 -8.88 -0.13
N CYS A 103 7.70 -7.62 0.29
CA CYS A 103 8.90 -6.90 0.62
C CYS A 103 9.36 -7.20 2.06
N LEU A 104 10.65 -7.00 2.31
CA LEU A 104 11.26 -7.29 3.60
C LEU A 104 10.73 -6.34 4.71
N LEU A 105 10.40 -5.10 4.35
CA LEU A 105 9.84 -4.13 5.30
C LEU A 105 8.53 -4.66 5.91
N ASP A 106 7.57 -5.11 5.07
CA ASP A 106 6.32 -5.69 5.57
C ASP A 106 6.60 -6.98 6.33
N TYR A 107 7.54 -7.80 5.83
CA TYR A 107 7.92 -9.06 6.49
C TYR A 107 8.44 -8.90 7.93
N VAL A 108 9.40 -7.96 8.16
CA VAL A 108 9.94 -7.77 9.51
C VAL A 108 8.89 -7.19 10.46
N ARG A 109 7.92 -6.42 9.95
CA ARG A 109 6.86 -5.87 10.78
C ARG A 109 5.89 -7.00 11.22
N GLU A 110 5.46 -7.85 10.26
CA GLU A 110 4.52 -8.93 10.53
C GLU A 110 5.11 -10.03 11.39
N HIS A 111 6.41 -10.30 11.26
CA HIS A 111 7.05 -11.36 12.03
C HIS A 111 7.94 -10.83 13.15
N LYS A 112 7.69 -9.61 13.64
CA LYS A 112 8.41 -9.02 14.77
C LYS A 112 8.12 -9.88 16.01
N ASP A 113 9.16 -10.15 16.83
CA ASP A 113 9.04 -11.04 18.01
C ASP A 113 8.76 -12.48 17.58
N ASN A 114 9.45 -12.89 16.52
CA ASN A 114 9.49 -14.19 15.85
C ASN A 114 10.75 -14.27 14.92
N ILE A 115 11.53 -13.18 14.79
CA ILE A 115 12.73 -13.16 13.96
C ILE A 115 13.94 -13.15 14.83
N GLY A 116 14.85 -14.06 14.56
CA GLY A 116 16.08 -14.19 15.31
C GLY A 116 17.23 -13.45 14.68
N SER A 117 18.32 -13.36 15.45
CA SER A 117 19.54 -12.71 15.05
C SER A 117 20.14 -13.35 13.81
N GLN A 118 20.01 -14.69 13.66
CA GLN A 118 20.56 -15.37 12.49
C GLN A 118 19.93 -14.86 11.21
N TYR A 119 18.63 -14.65 11.22
CA TYR A 119 17.93 -14.14 10.04
C TYR A 119 18.30 -12.68 9.77
N LEU A 120 18.22 -11.82 10.80
CA LEU A 120 18.54 -10.41 10.67
C LEU A 120 19.93 -10.18 10.10
N LEU A 121 20.93 -10.87 10.64
CA LEU A 121 22.30 -10.74 10.17
C LEU A 121 22.50 -11.33 8.77
N ASN A 122 21.81 -12.45 8.47
CA ASN A 122 21.94 -13.03 7.13
C ASN A 122 21.30 -12.13 6.09
N TRP A 123 20.19 -11.43 6.42
CA TRP A 123 19.58 -10.49 5.47
C TRP A 123 20.52 -9.32 5.17
N CYS A 124 21.26 -8.82 6.18
CA CYS A 124 22.23 -7.74 6.01
C CYS A 124 23.32 -8.19 5.07
N VAL A 125 23.81 -9.45 5.21
CA VAL A 125 24.84 -10.02 4.34
C VAL A 125 24.35 -10.08 2.89
N GLN A 126 23.15 -10.63 2.66
CA GLN A 126 22.56 -10.78 1.34
C GLN A 126 22.31 -9.46 0.63
N ILE A 127 21.83 -8.45 1.38
CA ILE A 127 21.60 -7.12 0.81
C ILE A 127 22.95 -6.51 0.40
N ALA A 128 23.97 -6.67 1.24
CA ALA A 128 25.31 -6.15 0.94
C ALA A 128 25.92 -6.88 -0.27
N LYS A 129 25.65 -8.16 -0.41
CA LYS A 129 26.10 -8.93 -1.59
C LYS A 129 25.46 -8.38 -2.86
N GLY A 130 24.14 -8.19 -2.85
CA GLY A 130 23.45 -7.65 -4.00
C GLY A 130 23.92 -6.24 -4.35
N MET A 131 24.18 -5.40 -3.33
CA MET A 131 24.66 -4.01 -3.55
C MET A 131 26.10 -3.99 -4.08
N ASN A 132 26.95 -4.91 -3.59
CA ASN A 132 28.33 -5.07 -4.04
C ASN A 132 28.35 -5.52 -5.50
N TYR A 133 27.39 -6.36 -5.91
CA TYR A 133 27.29 -6.77 -7.30
C TYR A 133 26.91 -5.56 -8.16
N LEU A 134 25.96 -4.69 -7.70
CA LEU A 134 25.61 -3.49 -8.47
C LEU A 134 26.83 -2.57 -8.57
N GLU A 135 27.63 -2.45 -7.50
CA GLU A 135 28.84 -1.64 -7.55
C GLU A 135 29.85 -2.24 -8.57
N ASP A 136 29.97 -3.57 -8.62
CA ASP A 136 30.81 -4.26 -9.60
C ASP A 136 30.33 -4.00 -11.04
N ARG A 137 29.02 -3.81 -11.24
CA ARG A 137 28.46 -3.47 -12.54
C ARG A 137 28.46 -1.96 -12.81
N ARG A 138 29.00 -1.13 -11.88
CA ARG A 138 29.03 0.33 -11.99
C ARG A 138 27.65 0.93 -12.05
N LEU A 139 26.71 0.34 -11.31
CA LEU A 139 25.33 0.80 -11.31
C LEU A 139 24.97 1.29 -9.90
N VAL A 140 24.62 2.55 -9.78
CA VAL A 140 24.18 3.15 -8.52
C VAL A 140 22.69 2.88 -8.42
N HIS A 141 22.24 2.34 -7.29
CA HIS A 141 20.85 1.99 -7.07
C HIS A 141 19.96 3.23 -7.01
N ARG A 142 20.23 4.18 -6.06
CA ARG A 142 19.53 5.44 -5.82
C ARG A 142 18.25 5.32 -4.98
N ASP A 143 17.72 4.11 -4.78
CA ASP A 143 16.49 3.96 -3.98
C ASP A 143 16.53 2.75 -3.06
N LEU A 144 17.70 2.47 -2.46
CA LEU A 144 17.78 1.32 -1.55
C LEU A 144 17.05 1.65 -0.22
N ALA A 145 16.15 0.78 0.20
CA ALA A 145 15.33 0.90 1.41
C ALA A 145 14.74 -0.50 1.64
N ALA A 146 14.28 -0.77 2.88
CA ALA A 146 13.71 -2.09 3.17
C ALA A 146 12.47 -2.40 2.30
N ARG A 147 11.75 -1.38 1.83
CA ARG A 147 10.62 -1.58 0.92
C ARG A 147 11.09 -2.15 -0.45
N ASN A 148 12.35 -1.89 -0.85
CA ASN A 148 12.94 -2.36 -2.12
C ASN A 148 13.78 -3.62 -1.98
N VAL A 149 13.65 -4.32 -0.86
CA VAL A 149 14.28 -5.62 -0.69
C VAL A 149 13.08 -6.59 -0.67
N LEU A 150 13.09 -7.56 -1.58
CA LEU A 150 12.01 -8.53 -1.69
C LEU A 150 12.38 -9.85 -1.09
N VAL A 151 11.39 -10.56 -0.59
CA VAL A 151 11.60 -11.81 0.06
C VAL A 151 11.21 -12.94 -0.90
N LYS A 152 12.21 -13.70 -1.38
CA LYS A 152 11.95 -14.85 -2.24
C LYS A 152 11.50 -16.01 -1.37
N THR A 153 12.24 -16.26 -0.31
CA THR A 153 11.91 -17.12 0.82
C THR A 153 12.46 -16.38 2.06
N PRO A 154 12.01 -16.75 3.27
CA PRO A 154 12.57 -16.08 4.48
C PRO A 154 14.11 -16.15 4.56
N GLN A 155 14.72 -17.14 3.86
CA GLN A 155 16.16 -17.37 3.83
C GLN A 155 16.88 -16.69 2.61
N HIS A 156 16.13 -16.05 1.72
CA HIS A 156 16.69 -15.53 0.47
C HIS A 156 16.00 -14.25 0.04
N VAL A 157 16.72 -13.13 0.19
CA VAL A 157 16.20 -11.83 -0.17
C VAL A 157 16.91 -11.27 -1.39
N LYS A 158 16.25 -10.37 -2.11
CA LYS A 158 16.79 -9.82 -3.36
C LYS A 158 16.41 -8.35 -3.48
N ILE A 159 17.31 -7.55 -3.99
CA ILE A 159 17.09 -6.12 -4.15
C ILE A 159 16.37 -5.82 -5.45
N THR A 160 15.43 -4.88 -5.43
CA THR A 160 14.74 -4.47 -6.65
C THR A 160 14.78 -2.92 -6.79
N ASP A 161 14.26 -2.40 -7.92
CA ASP A 161 14.12 -0.97 -8.20
C ASP A 161 15.39 -0.19 -8.23
N PHE A 162 16.45 -0.84 -8.67
CA PHE A 162 17.72 -0.19 -8.86
C PHE A 162 17.73 0.47 -10.24
N GLY A 163 18.43 1.58 -10.34
CA GLY A 163 18.63 2.29 -11.59
C GLY A 163 17.42 2.68 -12.43
N LEU A 164 16.27 2.96 -11.79
CA LEU A 164 15.08 3.32 -12.56
C LEU A 164 15.20 4.70 -13.23
N ALA A 165 15.97 5.64 -12.66
CA ALA A 165 16.21 6.92 -13.32
C ALA A 165 17.11 6.69 -14.54
N LYS A 166 18.13 5.84 -14.42
CA LYS A 166 19.04 5.53 -15.53
C LYS A 166 18.30 4.81 -16.68
N LEU A 167 17.35 3.89 -16.36
CA LEU A 167 16.56 3.23 -17.40
C LEU A 167 15.74 4.26 -18.22
N LEU A 168 15.20 5.28 -17.53
CA LEU A 168 14.38 6.32 -18.14
C LEU A 168 15.18 7.50 -18.74
N GLY A 169 16.50 7.48 -18.64
CA GLY A 169 17.34 8.57 -19.13
C GLY A 169 17.18 9.84 -18.31
N ALA A 170 16.83 9.69 -17.03
CA ALA A 170 16.57 10.80 -16.12
C ALA A 170 17.56 10.89 -14.96
N GLU A 171 18.78 10.38 -15.11
CA GLU A 171 19.78 10.46 -14.03
C GLU A 171 20.11 11.91 -13.62
N GLU A 172 20.18 12.82 -14.61
CA GLU A 172 20.46 14.23 -14.35
C GLU A 172 19.20 15.04 -14.61
N LYS A 173 18.30 15.11 -13.62
CA LYS A 173 17.03 15.82 -13.72
C LYS A 173 17.01 17.05 -12.81
N VAL A 182 10.51 11.98 -3.38
CA VAL A 182 11.95 11.86 -3.14
C VAL A 182 12.22 11.27 -1.76
N PRO A 183 12.90 10.11 -1.69
CA PRO A 183 13.08 9.46 -0.39
C PRO A 183 14.17 10.09 0.49
N ILE A 184 13.95 11.34 0.92
CA ILE A 184 14.87 12.14 1.73
C ILE A 184 15.43 11.42 2.96
N LYS A 185 14.57 10.67 3.67
CA LYS A 185 15.00 10.02 4.91
C LYS A 185 15.93 8.81 4.72
N TRP A 186 16.15 8.40 3.46
CA TRP A 186 17.08 7.32 3.11
C TRP A 186 18.32 7.88 2.38
N MET A 187 18.32 9.18 2.04
CA MET A 187 19.37 9.78 1.25
C MET A 187 20.53 10.30 2.00
N ALA A 188 21.71 10.12 1.41
CA ALA A 188 22.92 10.71 1.97
C ALA A 188 22.81 12.24 1.90
N LEU A 189 23.46 12.94 2.82
CA LEU A 189 23.38 14.40 2.87
C LEU A 189 23.78 15.06 1.54
N GLU A 190 24.80 14.51 0.82
CA GLU A 190 25.22 15.06 -0.48
C GLU A 190 24.18 14.86 -1.56
N SER A 191 23.34 13.82 -1.45
CA SER A 191 22.25 13.60 -2.41
C SER A 191 21.13 14.60 -2.12
N ILE A 192 20.86 14.89 -0.84
CA ILE A 192 19.85 15.85 -0.46
C ILE A 192 20.26 17.24 -0.92
N LEU A 193 21.51 17.63 -0.66
CA LEU A 193 21.97 18.98 -0.94
C LEU A 193 22.34 19.22 -2.41
N HIS A 194 22.98 18.24 -3.03
CA HIS A 194 23.51 18.43 -4.38
C HIS A 194 23.04 17.42 -5.41
N ARG A 195 22.09 16.52 -5.06
CA ARG A 195 21.62 15.48 -5.99
C ARG A 195 22.77 14.67 -6.58
N ILE A 196 23.82 14.44 -5.77
CA ILE A 196 24.95 13.60 -6.13
C ILE A 196 24.68 12.17 -5.64
N TYR A 197 24.74 11.18 -6.54
CA TYR A 197 24.50 9.79 -6.17
C TYR A 197 25.67 8.96 -6.62
N THR A 198 26.28 8.25 -5.68
CA THR A 198 27.44 7.39 -5.93
C THR A 198 27.22 6.05 -5.18
N HIS A 199 28.14 5.07 -5.34
CA HIS A 199 28.09 3.84 -4.55
C HIS A 199 28.17 4.14 -3.04
N GLN A 200 28.82 5.27 -2.65
CA GLN A 200 28.92 5.66 -1.26
C GLN A 200 27.64 6.26 -0.72
N SER A 201 26.83 6.95 -1.57
CA SER A 201 25.53 7.41 -1.08
C SER A 201 24.59 6.18 -0.97
N ASP A 202 24.77 5.14 -1.82
CA ASP A 202 24.01 3.88 -1.65
C ASP A 202 24.41 3.23 -0.28
N VAL A 203 25.67 3.38 0.19
CA VAL A 203 26.10 2.88 1.51
C VAL A 203 25.32 3.55 2.63
N TRP A 204 25.09 4.88 2.54
CA TRP A 204 24.26 5.59 3.53
C TRP A 204 22.85 4.94 3.57
N SER A 205 22.22 4.75 2.38
CA SER A 205 20.89 4.13 2.28
C SER A 205 20.88 2.72 2.88
N TYR A 206 21.96 1.96 2.68
CA TYR A 206 22.15 0.63 3.26
C TYR A 206 22.10 0.72 4.80
N GLY A 207 22.78 1.70 5.40
CA GLY A 207 22.73 1.89 6.85
C GLY A 207 21.31 2.14 7.33
N VAL A 208 20.54 2.94 6.57
CA VAL A 208 19.13 3.20 6.92
C VAL A 208 18.32 1.92 6.80
N THR A 209 18.56 1.14 5.74
CA THR A 209 17.88 -0.14 5.52
C THR A 209 18.16 -1.11 6.66
N VAL A 210 19.41 -1.21 7.11
CA VAL A 210 19.80 -2.07 8.26
C VAL A 210 19.06 -1.60 9.50
N TRP A 211 18.97 -0.26 9.68
CA TRP A 211 18.25 0.31 10.82
C TRP A 211 16.76 -0.07 10.77
N GLU A 212 16.13 -0.04 9.56
CA GLU A 212 14.73 -0.44 9.43
C GLU A 212 14.56 -1.90 9.82
N LEU A 213 15.48 -2.78 9.42
CA LEU A 213 15.38 -4.18 9.78
C LEU A 213 15.51 -4.39 11.29
N MET A 214 16.51 -3.79 11.92
CA MET A 214 16.80 -3.92 13.37
C MET A 214 15.73 -3.35 14.29
N THR A 215 14.91 -2.44 13.78
CA THR A 215 13.77 -1.90 14.53
C THR A 215 12.45 -2.57 14.11
N PHE A 216 12.53 -3.68 13.34
CA PHE A 216 11.38 -4.39 12.82
C PHE A 216 10.43 -3.51 12.05
N GLY A 217 11.00 -2.64 11.22
CA GLY A 217 10.22 -1.80 10.33
C GLY A 217 9.74 -0.48 10.88
N SER A 218 10.51 0.13 11.78
CA SER A 218 10.14 1.46 12.27
C SER A 218 10.40 2.50 11.19
N LYS A 219 9.68 3.63 11.27
CA LYS A 219 9.84 4.71 10.31
C LYS A 219 11.04 5.55 10.75
N PRO A 220 12.01 5.76 9.85
CA PRO A 220 13.18 6.59 10.24
C PRO A 220 12.79 8.05 10.45
N TYR A 221 13.34 8.70 11.50
CA TYR A 221 13.04 10.12 11.80
C TYR A 221 11.51 10.36 11.87
N ASP A 222 10.78 9.43 12.50
CA ASP A 222 9.32 9.50 12.63
C ASP A 222 8.92 10.84 13.31
N GLY A 223 7.99 11.55 12.70
CA GLY A 223 7.53 12.83 13.25
C GLY A 223 8.30 14.04 12.74
N ILE A 224 9.48 13.84 12.16
CA ILE A 224 10.28 14.94 11.64
C ILE A 224 10.00 15.18 10.16
N PRO A 225 9.61 16.40 9.77
CA PRO A 225 9.32 16.65 8.34
C PRO A 225 10.56 16.56 7.46
N ALA A 226 10.38 16.14 6.19
CA ALA A 226 11.46 15.98 5.22
C ALA A 226 12.34 17.21 5.06
N SER A 227 11.74 18.41 5.05
CA SER A 227 12.48 19.66 4.92
C SER A 227 13.46 19.93 6.08
N GLU A 228 13.23 19.31 7.24
CA GLU A 228 14.11 19.49 8.40
C GLU A 228 15.29 18.51 8.44
N ILE A 229 15.23 17.41 7.66
CA ILE A 229 16.24 16.36 7.67
C ILE A 229 17.67 16.85 7.38
N SER A 230 17.91 17.68 6.32
CA SER A 230 19.28 18.15 6.06
C SER A 230 19.88 18.92 7.25
N SER A 231 19.09 19.75 7.92
CA SER A 231 19.55 20.54 9.07
C SER A 231 19.88 19.65 10.26
N ILE A 232 19.03 18.64 10.54
CA ILE A 232 19.29 17.64 11.59
C ILE A 232 20.59 16.89 11.32
N LEU A 233 20.84 16.48 10.04
CA LEU A 233 22.08 15.77 9.69
C LEU A 233 23.30 16.67 9.82
N GLU A 234 23.14 17.95 9.46
CA GLU A 234 24.23 18.92 9.57
C GLU A 234 24.62 19.15 11.02
N LYS A 235 23.65 19.09 11.96
CA LYS A 235 23.97 19.22 13.40
C LYS A 235 24.60 17.96 14.01
N GLY A 236 24.80 16.90 13.21
CA GLY A 236 25.42 15.67 13.68
C GLY A 236 24.45 14.63 14.23
N GLU A 237 23.16 14.90 14.21
CA GLU A 237 22.16 13.96 14.68
C GLU A 237 21.93 12.80 13.66
N ARG A 238 21.74 11.59 14.17
CA ARG A 238 21.55 10.38 13.37
C ARG A 238 20.42 9.53 13.95
N LEU A 239 20.03 8.46 13.24
CA LEU A 239 18.99 7.55 13.74
C LEU A 239 19.45 6.90 15.04
N PRO A 240 18.54 6.71 16.01
CA PRO A 240 18.96 6.17 17.30
C PRO A 240 19.29 4.68 17.29
N GLN A 241 20.07 4.23 18.27
CA GLN A 241 20.46 2.84 18.39
C GLN A 241 19.26 1.97 18.64
N PRO A 242 18.98 1.00 17.76
CA PRO A 242 17.84 0.10 18.00
C PRO A 242 18.05 -0.72 19.28
N PRO A 243 17.00 -1.00 20.06
CA PRO A 243 17.18 -1.75 21.33
C PRO A 243 17.84 -3.13 21.24
N ILE A 244 17.81 -3.78 20.06
CA ILE A 244 18.44 -5.09 19.91
C ILE A 244 19.89 -5.01 19.48
N CYS A 245 20.37 -3.81 19.03
CA CYS A 245 21.74 -3.72 18.53
C CYS A 245 22.75 -3.51 19.56
N THR A 246 23.84 -4.27 19.48
CA THR A 246 24.99 -4.01 20.31
C THR A 246 25.76 -2.83 19.69
N ILE A 247 26.69 -2.26 20.47
CA ILE A 247 27.44 -1.11 20.02
C ILE A 247 28.24 -1.39 18.74
N ASP A 248 28.75 -2.63 18.53
CA ASP A 248 29.48 -2.94 17.30
C ASP A 248 28.56 -2.85 16.06
N VAL A 249 27.31 -3.31 16.15
CA VAL A 249 26.39 -3.22 15.01
C VAL A 249 26.04 -1.75 14.79
N TYR A 250 25.73 -1.02 15.89
CA TYR A 250 25.38 0.39 15.76
C TYR A 250 26.52 1.23 15.18
N MET A 251 27.76 0.91 15.52
CA MET A 251 28.92 1.65 14.98
C MET A 251 29.08 1.47 13.47
N ILE A 252 28.64 0.32 12.93
CA ILE A 252 28.68 0.09 11.49
C ILE A 252 27.65 0.99 10.81
N MET A 253 26.43 1.08 11.39
CA MET A 253 25.37 1.94 10.86
C MET A 253 25.84 3.39 10.89
N ARG A 254 26.47 3.81 12.00
CA ARG A 254 26.98 5.18 12.14
C ARG A 254 28.05 5.50 11.14
N LYS A 255 28.91 4.53 10.83
CA LYS A 255 29.96 4.73 9.83
C LYS A 255 29.34 4.92 8.41
N CYS A 256 28.17 4.30 8.17
CA CYS A 256 27.46 4.46 6.91
C CYS A 256 26.94 5.89 6.73
N TRP A 257 26.73 6.63 7.83
CA TRP A 257 26.17 7.97 7.84
C TRP A 257 27.18 9.07 8.12
N MET A 258 28.45 8.82 7.84
CA MET A 258 29.49 9.84 7.99
C MET A 258 29.36 10.86 6.86
N ILE A 259 29.60 12.15 7.15
CA ILE A 259 29.52 13.21 6.14
C ILE A 259 30.45 12.97 4.98
N ASP A 260 31.69 12.56 5.27
CA ASP A 260 32.65 12.26 4.22
C ASP A 260 32.32 10.90 3.61
N ALA A 261 31.88 10.89 2.35
CA ALA A 261 31.49 9.66 1.66
C ALA A 261 32.59 8.61 1.63
N ASP A 262 33.86 9.03 1.45
CA ASP A 262 34.97 8.08 1.41
C ASP A 262 35.32 7.47 2.79
N SER A 263 34.79 8.02 3.86
CA SER A 263 34.97 7.46 5.20
C SER A 263 33.94 6.33 5.47
N ARG A 264 32.85 6.25 4.68
CA ARG A 264 31.85 5.20 4.87
C ARG A 264 32.44 3.85 4.49
N PRO A 265 31.92 2.75 5.05
CA PRO A 265 32.42 1.43 4.64
C PRO A 265 32.10 1.12 3.18
N LYS A 266 32.75 0.12 2.62
CA LYS A 266 32.48 -0.34 1.28
C LYS A 266 31.57 -1.58 1.40
N PHE A 267 30.71 -1.82 0.41
CA PHE A 267 29.84 -3.01 0.43
C PHE A 267 30.63 -4.31 0.60
N ARG A 268 31.83 -4.44 -0.02
CA ARG A 268 32.62 -5.67 0.14
C ARG A 268 33.07 -5.87 1.59
N GLU A 269 33.34 -4.77 2.31
CA GLU A 269 33.71 -4.79 3.72
C GLU A 269 32.48 -5.11 4.60
N LEU A 270 31.29 -4.59 4.22
CA LEU A 270 30.05 -4.86 4.96
C LEU A 270 29.70 -6.34 4.83
N ILE A 271 29.94 -6.97 3.66
CA ILE A 271 29.71 -8.43 3.52
C ILE A 271 30.57 -9.20 4.56
N ILE A 272 31.85 -8.83 4.67
CA ILE A 272 32.79 -9.48 5.58
C ILE A 272 32.42 -9.30 7.05
N GLU A 273 32.10 -8.07 7.47
CA GLU A 273 31.76 -7.80 8.86
C GLU A 273 30.45 -8.44 9.31
N PHE A 274 29.39 -8.34 8.47
CA PHE A 274 28.12 -8.96 8.83
C PHE A 274 28.23 -10.49 8.75
N SER A 275 29.10 -11.02 7.87
CA SER A 275 29.30 -12.48 7.81
C SER A 275 30.00 -12.96 9.09
N LYS A 276 30.96 -12.19 9.60
CA LYS A 276 31.65 -12.50 10.86
C LYS A 276 30.65 -12.50 12.00
N MET A 277 29.77 -11.49 12.07
CA MET A 277 28.77 -11.37 13.11
C MET A 277 27.75 -12.48 13.06
N ALA A 278 27.33 -12.89 11.85
CA ALA A 278 26.40 -14.00 11.69
C ALA A 278 26.99 -15.33 12.22
N ARG A 279 28.33 -15.43 12.33
CA ARG A 279 28.96 -16.65 12.88
C ARG A 279 28.89 -16.74 14.41
N ASP A 280 28.56 -15.63 15.11
CA ASP A 280 28.35 -15.63 16.58
C ASP A 280 27.22 -14.64 16.81
N PRO A 281 26.00 -14.98 16.39
CA PRO A 281 24.93 -13.97 16.33
C PRO A 281 24.42 -13.39 17.65
N GLN A 282 24.41 -14.19 18.73
CA GLN A 282 23.96 -13.68 20.03
C GLN A 282 24.93 -12.69 20.66
N ARG A 283 26.16 -12.63 20.18
CA ARG A 283 27.11 -11.65 20.66
C ARG A 283 26.86 -10.24 20.03
N TYR A 284 26.16 -10.18 18.87
CA TYR A 284 25.98 -8.90 18.18
C TYR A 284 24.57 -8.32 18.23
N LEU A 285 23.56 -9.14 18.45
CA LEU A 285 22.19 -8.69 18.59
C LEU A 285 21.61 -9.33 19.84
N VAL A 286 20.83 -8.58 20.63
CA VAL A 286 20.21 -9.14 21.82
C VAL A 286 18.73 -9.18 21.63
N ILE A 287 18.19 -10.38 21.40
CA ILE A 287 16.76 -10.54 21.17
C ILE A 287 16.21 -11.53 22.20
N GLN A 288 15.07 -11.19 22.81
CA GLN A 288 14.48 -12.06 23.82
C GLN A 288 13.91 -13.31 23.18
N GLY A 289 14.33 -14.47 23.68
CA GLY A 289 13.88 -15.76 23.17
C GLY A 289 14.58 -16.14 21.87
N ASP A 290 15.86 -15.72 21.73
CA ASP A 290 16.65 -15.96 20.52
C ASP A 290 17.07 -17.41 20.37
N GLU A 291 17.28 -18.12 21.50
CA GLU A 291 17.69 -19.53 21.48
C GLU A 291 16.69 -20.47 20.79
N ARG A 292 15.43 -20.02 20.63
CA ARG A 292 14.42 -20.83 19.94
C ARG A 292 14.01 -20.23 18.59
N MET A 293 14.89 -19.44 17.95
CA MET A 293 14.59 -18.82 16.64
C MET A 293 15.73 -19.05 15.64
N HIS A 294 16.27 -20.27 15.62
CA HIS A 294 17.37 -20.67 14.76
C HIS A 294 16.99 -20.76 13.26
N LEU A 295 18.02 -20.82 12.39
CA LEU A 295 17.83 -21.00 10.94
C LEU A 295 17.20 -22.40 10.72
N PRO A 296 16.51 -22.61 9.59
CA PRO A 296 15.85 -23.92 9.41
C PRO A 296 16.84 -25.08 9.29
N SER A 297 16.42 -26.26 9.72
CA SER A 297 17.26 -27.46 9.61
C SER A 297 17.49 -27.77 8.10
N PRO A 298 18.46 -28.64 7.72
CA PRO A 298 18.61 -28.98 6.30
C PRO A 298 17.29 -29.52 5.69
N THR A 299 16.53 -30.34 6.44
CA THR A 299 15.24 -30.88 5.98
C THR A 299 14.26 -29.78 5.54
N ASP A 300 14.03 -28.76 6.39
CA ASP A 300 13.11 -27.68 6.06
C ASP A 300 13.63 -26.80 4.91
N SER A 301 14.95 -26.59 4.89
CA SER A 301 15.60 -25.79 3.86
C SER A 301 15.47 -26.45 2.48
N ASN A 302 15.67 -27.76 2.40
CA ASN A 302 15.54 -28.52 1.16
C ASN A 302 14.11 -28.42 0.61
N PHE A 303 13.12 -28.53 1.49
CA PHE A 303 11.72 -28.46 1.12
C PHE A 303 11.37 -27.10 0.53
N TYR A 304 11.76 -25.99 1.21
CA TYR A 304 11.50 -24.63 0.71
C TYR A 304 12.09 -24.43 -0.67
N ARG A 305 13.35 -24.84 -0.86
CA ARG A 305 14.04 -24.67 -2.12
C ARG A 305 13.37 -25.46 -3.26
N ALA A 306 12.99 -26.71 -2.99
CA ALA A 306 12.33 -27.54 -4.00
C ALA A 306 11.02 -26.89 -4.48
N LEU A 307 10.26 -26.26 -3.58
CA LEU A 307 8.98 -25.66 -3.95
C LEU A 307 9.01 -24.24 -4.47
N MET A 308 10.01 -23.42 -4.08
CA MET A 308 9.97 -22.03 -4.53
C MET A 308 11.32 -21.33 -4.72
N ASP A 309 12.44 -22.07 -4.68
CA ASP A 309 13.73 -21.44 -4.87
C ASP A 309 14.76 -22.41 -5.38
N GLU A 310 14.71 -22.71 -6.68
CA GLU A 310 15.68 -23.63 -7.28
C GLU A 310 16.91 -22.89 -7.83
N GLU A 311 17.05 -21.55 -7.65
CA GLU A 311 18.20 -20.85 -8.22
C GLU A 311 19.52 -21.03 -7.43
N ASP A 312 20.67 -20.89 -8.10
CA ASP A 312 21.99 -21.03 -7.46
C ASP A 312 22.23 -19.88 -6.48
N MET A 313 22.80 -20.17 -5.29
CA MET A 313 23.03 -19.15 -4.27
C MET A 313 24.08 -19.59 -3.24
N ASP A 314 24.99 -18.68 -2.82
CA ASP A 314 26.00 -18.97 -1.80
C ASP A 314 25.30 -19.34 -0.49
N ASP A 315 25.92 -20.24 0.29
CA ASP A 315 25.36 -20.71 1.54
C ASP A 315 25.10 -19.62 2.57
N VAL A 316 24.02 -19.77 3.34
CA VAL A 316 23.72 -18.83 4.41
C VAL A 316 24.72 -19.06 5.55
N VAL A 317 25.16 -17.97 6.17
CA VAL A 317 26.16 -18.02 7.22
C VAL A 317 25.59 -18.58 8.52
N ASP A 318 26.11 -19.74 8.94
CA ASP A 318 25.66 -20.37 10.19
C ASP A 318 26.61 -20.06 11.36
N ALA A 319 26.10 -20.16 12.58
CA ALA A 319 26.87 -19.92 13.79
C ALA A 319 27.90 -21.02 14.02
N ASP A 320 29.06 -20.66 14.58
CA ASP A 320 30.14 -21.58 14.89
C ASP A 320 29.75 -22.56 16.01
N ASN B 6 -9.32 -0.21 -20.01
CA ASN B 6 -9.93 -1.29 -20.77
C ASN B 6 -11.41 -1.01 -21.00
N GLN B 7 -11.82 -0.96 -22.27
CA GLN B 7 -13.22 -0.68 -22.61
C GLN B 7 -14.18 -1.79 -22.20
N ALA B 8 -13.70 -3.02 -22.07
CA ALA B 8 -14.54 -4.13 -21.66
C ALA B 8 -15.05 -4.02 -20.21
N LEU B 9 -14.49 -3.09 -19.41
CA LEU B 9 -14.91 -2.96 -18.01
C LEU B 9 -16.17 -2.09 -17.82
N LEU B 10 -16.55 -1.29 -18.82
CA LEU B 10 -17.71 -0.42 -18.69
C LEU B 10 -18.80 -0.76 -19.70
N ARG B 11 -19.94 -1.23 -19.22
CA ARG B 11 -21.05 -1.54 -20.10
C ARG B 11 -21.88 -0.29 -20.46
N ILE B 12 -22.03 -0.02 -21.76
CA ILE B 12 -22.86 1.07 -22.23
C ILE B 12 -24.26 0.51 -22.28
N LEU B 13 -25.19 1.07 -21.50
CA LEU B 13 -26.56 0.58 -21.46
C LEU B 13 -27.54 1.47 -22.24
N LYS B 14 -28.68 0.90 -22.61
CA LYS B 14 -29.76 1.60 -23.27
C LYS B 14 -30.87 1.73 -22.24
N GLU B 15 -31.60 2.87 -22.26
CA GLU B 15 -32.68 3.14 -21.31
C GLU B 15 -33.72 2.02 -21.22
N THR B 16 -33.89 1.26 -22.30
CA THR B 16 -34.85 0.20 -22.39
C THR B 16 -34.51 -1.02 -21.50
N GLU B 17 -33.22 -1.34 -21.31
CA GLU B 17 -32.87 -2.53 -20.53
C GLU B 17 -32.81 -2.31 -19.01
N PHE B 18 -33.20 -1.14 -18.52
CA PHE B 18 -33.26 -0.91 -17.07
C PHE B 18 -34.40 0.02 -16.68
N LYS B 19 -34.91 -0.14 -15.46
CA LYS B 19 -36.00 0.67 -14.95
C LYS B 19 -35.70 1.10 -13.54
N LYS B 20 -35.97 2.36 -13.20
CA LYS B 20 -35.81 2.85 -11.84
C LYS B 20 -37.13 2.51 -11.12
N ILE B 21 -37.11 1.79 -9.98
CA ILE B 21 -38.36 1.37 -9.34
C ILE B 21 -38.58 1.89 -7.90
N LYS B 22 -37.61 2.58 -7.29
CA LYS B 22 -37.77 3.08 -5.92
C LYS B 22 -36.65 4.07 -5.61
N VAL B 23 -36.97 5.23 -5.00
CA VAL B 23 -35.96 6.22 -4.68
C VAL B 23 -35.29 5.92 -3.35
N LEU B 24 -33.96 5.81 -3.34
CA LEU B 24 -33.23 5.51 -2.11
C LEU B 24 -32.73 6.75 -1.39
N GLY B 25 -32.51 7.82 -2.13
CA GLY B 25 -32.03 9.07 -1.58
C GLY B 25 -31.30 9.92 -2.59
N SER B 26 -30.79 11.05 -2.14
CA SER B 26 -30.04 11.96 -3.01
C SER B 26 -28.98 12.69 -2.21
N GLY B 27 -27.86 12.99 -2.85
CA GLY B 27 -26.75 13.67 -2.19
C GLY B 27 -26.29 14.90 -2.94
N ALA B 28 -25.00 15.19 -2.85
CA ALA B 28 -24.41 16.36 -3.49
C ALA B 28 -24.27 16.25 -5.01
N PHE B 29 -24.25 15.03 -5.56
CA PHE B 29 -24.03 14.86 -6.99
C PHE B 29 -25.18 14.26 -7.77
N GLY B 30 -26.20 13.77 -7.10
CA GLY B 30 -27.35 13.18 -7.77
C GLY B 30 -28.26 12.37 -6.88
N THR B 31 -29.17 11.62 -7.51
CA THR B 31 -30.19 10.80 -6.85
C THR B 31 -29.92 9.31 -7.09
N VAL B 32 -30.12 8.46 -6.10
CA VAL B 32 -29.91 7.02 -6.24
C VAL B 32 -31.25 6.31 -6.19
N TYR B 33 -31.43 5.33 -7.07
CA TYR B 33 -32.62 4.52 -7.11
C TYR B 33 -32.28 3.05 -7.03
N LYS B 34 -33.13 2.25 -6.38
CA LYS B 34 -33.04 0.81 -6.49
C LYS B 34 -33.77 0.55 -7.80
N GLY B 35 -33.09 -0.07 -8.75
CA GLY B 35 -33.66 -0.37 -10.06
C GLY B 35 -33.56 -1.83 -10.48
N LEU B 36 -33.95 -2.12 -11.70
CA LEU B 36 -33.92 -3.49 -12.21
C LEU B 36 -33.32 -3.53 -13.59
N TRP B 37 -32.42 -4.47 -13.82
CA TRP B 37 -31.82 -4.67 -15.12
C TRP B 37 -32.54 -5.86 -15.76
N ILE B 38 -33.06 -5.69 -16.97
CA ILE B 38 -33.69 -6.80 -17.67
C ILE B 38 -32.80 -7.14 -18.85
N PRO B 39 -32.03 -8.24 -18.75
CA PRO B 39 -31.15 -8.62 -19.87
C PRO B 39 -31.97 -8.90 -21.12
N GLU B 40 -31.48 -8.43 -22.29
CA GLU B 40 -32.23 -8.58 -23.54
C GLU B 40 -32.57 -10.02 -23.86
N GLY B 41 -33.85 -10.27 -24.09
CA GLY B 41 -34.35 -11.60 -24.41
C GLY B 41 -34.62 -12.47 -23.19
N GLU B 42 -34.41 -11.93 -21.98
CA GLU B 42 -34.58 -12.70 -20.77
C GLU B 42 -35.82 -12.30 -19.98
N LYS B 43 -36.28 -13.17 -19.09
CA LYS B 43 -37.44 -12.92 -18.23
C LYS B 43 -37.06 -12.61 -16.78
N VAL B 44 -35.77 -12.49 -16.47
CA VAL B 44 -35.33 -12.22 -15.12
C VAL B 44 -35.13 -10.71 -14.93
N LYS B 45 -35.46 -10.21 -13.76
CA LYS B 45 -35.28 -8.80 -13.44
C LYS B 45 -34.22 -8.76 -12.36
N ILE B 46 -33.03 -8.23 -12.69
CA ILE B 46 -31.92 -8.23 -11.74
C ILE B 46 -31.79 -6.92 -10.99
N PRO B 47 -31.87 -6.91 -9.66
CA PRO B 47 -31.74 -5.63 -8.94
C PRO B 47 -30.39 -4.95 -9.14
N VAL B 48 -30.41 -3.64 -9.27
CA VAL B 48 -29.21 -2.81 -9.44
C VAL B 48 -29.43 -1.48 -8.69
N ALA B 49 -28.37 -0.69 -8.54
CA ALA B 49 -28.47 0.65 -8.00
C ALA B 49 -28.16 1.56 -9.16
N ILE B 50 -28.96 2.62 -9.32
CA ILE B 50 -28.76 3.55 -10.42
C ILE B 50 -28.62 4.92 -9.85
N LYS B 51 -27.54 5.63 -10.17
CA LYS B 51 -27.35 6.99 -9.71
C LYS B 51 -27.54 7.92 -10.89
N GLU B 52 -28.56 8.77 -10.82
CA GLU B 52 -28.85 9.77 -11.85
C GLU B 52 -28.23 11.09 -11.38
N LEU B 53 -27.28 11.63 -12.14
CA LEU B 53 -26.55 12.84 -11.75
C LEU B 53 -27.29 14.17 -11.95
N ALA B 61 -20.86 16.92 -22.61
CA ALA B 61 -19.42 16.68 -22.71
C ALA B 61 -19.18 15.18 -22.49
N ASN B 62 -19.82 14.36 -23.34
CA ASN B 62 -19.81 12.90 -23.27
C ASN B 62 -18.44 12.26 -23.43
N LYS B 63 -17.52 12.90 -24.17
CA LYS B 63 -16.16 12.38 -24.34
C LYS B 63 -15.41 12.49 -23.01
N GLU B 64 -15.61 13.59 -22.28
CA GLU B 64 -14.97 13.85 -21.00
C GLU B 64 -15.57 12.95 -19.92
N ILE B 65 -16.90 12.75 -19.94
CA ILE B 65 -17.60 11.92 -18.97
C ILE B 65 -17.20 10.45 -19.08
N LEU B 66 -17.14 9.93 -20.32
CA LEU B 66 -16.72 8.56 -20.59
C LEU B 66 -15.29 8.32 -20.15
N ASP B 67 -14.41 9.32 -20.30
CA ASP B 67 -13.01 9.19 -19.87
C ASP B 67 -12.93 8.95 -18.36
N GLU B 68 -13.78 9.65 -17.58
CA GLU B 68 -13.80 9.44 -16.14
C GLU B 68 -14.51 8.13 -15.77
N ALA B 69 -15.57 7.77 -16.53
CA ALA B 69 -16.34 6.56 -16.32
C ALA B 69 -15.49 5.31 -16.47
N TYR B 70 -14.57 5.28 -17.46
CA TYR B 70 -13.66 4.15 -17.67
C TYR B 70 -12.74 3.97 -16.46
N VAL B 71 -12.24 5.08 -15.88
CA VAL B 71 -11.40 5.03 -14.69
C VAL B 71 -12.21 4.45 -13.53
N MET B 72 -13.43 4.98 -13.31
CA MET B 72 -14.31 4.46 -12.26
C MET B 72 -14.63 2.97 -12.46
N ALA B 73 -14.77 2.50 -13.73
CA ALA B 73 -15.05 1.09 -14.05
C ALA B 73 -13.81 0.19 -13.90
N SER B 74 -12.59 0.76 -13.87
CA SER B 74 -11.35 0.00 -13.70
C SER B 74 -11.02 -0.31 -12.22
N VAL B 75 -11.76 0.30 -11.28
CA VAL B 75 -11.49 0.11 -9.87
C VAL B 75 -11.83 -1.30 -9.47
N ASP B 76 -10.83 -2.13 -9.21
CA ASP B 76 -11.05 -3.53 -8.86
C ASP B 76 -10.39 -3.89 -7.53
N ASN B 77 -11.17 -3.79 -6.46
CA ASN B 77 -10.69 -4.07 -5.12
C ASN B 77 -11.89 -4.47 -4.26
N PRO B 78 -11.73 -5.46 -3.35
CA PRO B 78 -12.91 -5.89 -2.58
C PRO B 78 -13.50 -4.78 -1.71
N HIS B 79 -12.76 -3.72 -1.42
CA HIS B 79 -13.24 -2.66 -0.56
C HIS B 79 -13.55 -1.37 -1.26
N VAL B 80 -13.77 -1.41 -2.60
CA VAL B 80 -14.16 -0.21 -3.33
C VAL B 80 -15.24 -0.65 -4.33
N CYS B 81 -16.36 0.09 -4.45
CA CYS B 81 -17.40 -0.23 -5.40
C CYS B 81 -16.91 0.14 -6.80
N ARG B 82 -17.18 -0.74 -7.75
CA ARG B 82 -16.77 -0.49 -9.14
C ARG B 82 -17.98 0.03 -9.93
N LEU B 83 -17.77 0.97 -10.86
CA LEU B 83 -18.83 1.41 -11.75
C LEU B 83 -19.00 0.28 -12.79
N LEU B 84 -20.23 -0.23 -12.97
CA LEU B 84 -20.46 -1.35 -13.87
C LEU B 84 -20.93 -0.94 -15.24
N GLY B 85 -21.80 0.05 -15.27
CA GLY B 85 -22.42 0.49 -16.51
C GLY B 85 -22.81 1.95 -16.50
N ILE B 86 -23.08 2.49 -17.68
CA ILE B 86 -23.45 3.90 -17.81
C ILE B 86 -24.45 4.08 -18.94
N CYS B 87 -25.37 5.02 -18.77
CA CYS B 87 -26.33 5.37 -19.79
C CYS B 87 -26.28 6.89 -19.96
N LEU B 88 -25.79 7.37 -21.10
CA LEU B 88 -25.71 8.80 -21.35
C LEU B 88 -26.83 9.22 -22.32
N THR B 89 -27.89 9.86 -21.83
CA THR B 89 -28.97 10.37 -22.68
C THR B 89 -28.99 11.91 -22.39
N SER B 90 -30.10 12.49 -21.89
CA SER B 90 -30.08 13.90 -21.48
C SER B 90 -29.39 14.02 -20.09
N THR B 91 -29.45 12.93 -19.27
CA THR B 91 -28.82 12.82 -17.95
C THR B 91 -27.76 11.71 -17.94
N VAL B 92 -26.84 11.75 -16.98
CA VAL B 92 -25.84 10.69 -16.81
C VAL B 92 -26.42 9.70 -15.80
N GLN B 93 -26.46 8.41 -16.14
CA GLN B 93 -26.98 7.40 -15.22
C GLN B 93 -25.92 6.32 -14.99
N LEU B 94 -25.48 6.17 -13.73
CA LEU B 94 -24.42 5.26 -13.34
C LEU B 94 -25.00 4.01 -12.73
N ILE B 95 -24.59 2.82 -13.20
CA ILE B 95 -25.12 1.57 -12.68
C ILE B 95 -24.06 0.81 -11.91
N THR B 96 -24.45 0.38 -10.73
CA THR B 96 -23.57 -0.33 -9.84
C THR B 96 -24.37 -1.43 -9.10
N GLN B 97 -23.67 -2.28 -8.33
CA GLN B 97 -24.30 -3.31 -7.56
C GLN B 97 -25.14 -2.69 -6.43
N LEU B 98 -26.31 -3.26 -6.19
CA LEU B 98 -27.21 -2.81 -5.14
C LEU B 98 -26.73 -3.39 -3.85
N MET B 99 -26.65 -2.57 -2.81
CA MET B 99 -26.23 -3.03 -1.49
C MET B 99 -27.44 -2.99 -0.57
N PRO B 100 -28.16 -4.12 -0.40
CA PRO B 100 -29.36 -4.12 0.45
C PRO B 100 -29.15 -3.68 1.90
N PHE B 101 -27.95 -3.88 2.49
CA PHE B 101 -27.68 -3.43 3.86
C PHE B 101 -27.56 -1.90 3.99
N GLY B 102 -27.43 -1.18 2.87
CA GLY B 102 -27.30 0.27 2.86
C GLY B 102 -25.94 0.80 3.29
N CYS B 103 -25.86 2.10 3.65
CA CYS B 103 -24.59 2.69 4.07
C CYS B 103 -24.21 2.40 5.53
N LEU B 104 -22.90 2.46 5.81
CA LEU B 104 -22.34 2.17 7.10
C LEU B 104 -22.76 3.20 8.15
N LEU B 105 -22.96 4.46 7.75
CA LEU B 105 -23.43 5.50 8.65
C LEU B 105 -24.82 5.12 9.20
N ASP B 106 -25.79 4.80 8.32
CA ASP B 106 -27.11 4.39 8.78
C ASP B 106 -27.06 3.13 9.59
N TYR B 107 -26.19 2.18 9.20
CA TYR B 107 -26.01 0.93 9.89
C TYR B 107 -25.53 1.10 11.33
N VAL B 108 -24.51 1.95 11.56
CA VAL B 108 -24.01 2.13 12.91
C VAL B 108 -25.06 2.83 13.81
N ARG B 109 -25.88 3.70 13.25
CA ARG B 109 -26.91 4.39 14.02
C ARG B 109 -28.01 3.40 14.41
N GLU B 110 -28.40 2.51 13.50
CA GLU B 110 -29.47 1.54 13.76
C GLU B 110 -29.02 0.39 14.63
N HIS B 111 -27.74 0.02 14.60
CA HIS B 111 -27.24 -1.11 15.38
C HIS B 111 -26.33 -0.77 16.56
N LYS B 112 -26.36 0.46 17.07
CA LYS B 112 -25.52 0.89 18.20
C LYS B 112 -25.30 -0.14 19.33
N ASP B 113 -26.39 -0.68 19.90
CA ASP B 113 -26.29 -1.58 21.05
C ASP B 113 -25.71 -2.96 20.72
N ASN B 114 -25.73 -3.37 19.44
CA ASN B 114 -25.22 -4.67 19.01
C ASN B 114 -23.85 -4.61 18.31
N ILE B 115 -23.18 -3.44 18.29
CA ILE B 115 -21.87 -3.34 17.63
C ILE B 115 -20.71 -3.41 18.59
N GLY B 116 -19.86 -4.41 18.39
CA GLY B 116 -18.67 -4.60 19.20
C GLY B 116 -17.41 -3.99 18.62
N SER B 117 -16.33 -4.02 19.39
CA SER B 117 -15.05 -3.46 18.96
C SER B 117 -14.44 -4.23 17.80
N GLN B 118 -14.67 -5.58 17.71
CA GLN B 118 -14.13 -6.34 16.59
C GLN B 118 -14.70 -5.84 15.25
N TYR B 119 -15.98 -5.52 15.20
CA TYR B 119 -16.58 -5.02 13.97
C TYR B 119 -16.03 -3.63 13.66
N LEU B 120 -16.04 -2.72 14.66
CA LEU B 120 -15.55 -1.36 14.45
C LEU B 120 -14.13 -1.29 13.94
N LEU B 121 -13.22 -2.03 14.56
CA LEU B 121 -11.82 -1.96 14.15
C LEU B 121 -11.63 -2.60 12.75
N ASN B 122 -12.33 -3.72 12.48
CA ASN B 122 -12.22 -4.34 11.17
C ASN B 122 -12.78 -3.45 10.08
N TRP B 123 -13.87 -2.71 10.32
CA TRP B 123 -14.37 -1.77 9.31
C TRP B 123 -13.34 -0.69 9.00
N CYS B 124 -12.63 -0.19 10.03
CA CYS B 124 -11.57 0.80 9.89
C CYS B 124 -10.46 0.22 9.01
N VAL B 125 -10.11 -1.07 9.20
CA VAL B 125 -9.11 -1.73 8.37
C VAL B 125 -9.57 -1.79 6.92
N GLN B 126 -10.81 -2.26 6.67
CA GLN B 126 -11.31 -2.38 5.30
C GLN B 126 -11.41 -1.05 4.58
N ILE B 127 -11.80 0.01 5.28
CA ILE B 127 -11.87 1.32 4.64
C ILE B 127 -10.44 1.78 4.26
N ALA B 128 -9.47 1.55 5.16
CA ALA B 128 -8.07 1.95 4.88
C ALA B 128 -7.50 1.08 3.74
N LYS B 129 -7.91 -0.20 3.63
CA LYS B 129 -7.46 -1.05 2.50
C LYS B 129 -8.01 -0.52 1.17
N GLY B 130 -9.30 -0.16 1.14
CA GLY B 130 -9.88 0.43 -0.07
C GLY B 130 -9.21 1.74 -0.46
N MET B 131 -8.99 2.63 0.52
CA MET B 131 -8.34 3.91 0.24
C MET B 131 -6.87 3.73 -0.18
N ASN B 132 -6.15 2.76 0.45
CA ASN B 132 -4.78 2.44 0.07
C ASN B 132 -4.72 1.95 -1.38
N TYR B 133 -5.70 1.13 -1.82
CA TYR B 133 -5.82 0.69 -3.23
C TYR B 133 -5.94 1.93 -4.13
N LEU B 134 -6.82 2.87 -3.76
CA LEU B 134 -6.99 4.09 -4.55
C LEU B 134 -5.67 4.87 -4.65
N GLU B 135 -4.94 4.99 -3.54
CA GLU B 135 -3.66 5.68 -3.51
C GLU B 135 -2.62 4.94 -4.40
N ASP B 136 -2.61 3.59 -4.37
CA ASP B 136 -1.70 2.80 -5.22
C ASP B 136 -1.95 3.05 -6.70
N ARG B 137 -3.19 3.35 -7.07
CA ARG B 137 -3.62 3.67 -8.44
C ARG B 137 -3.51 5.19 -8.74
N ARG B 138 -3.09 6.00 -7.76
CA ARG B 138 -2.95 7.46 -7.85
C ARG B 138 -4.31 8.12 -8.11
N LEU B 139 -5.32 7.65 -7.39
CA LEU B 139 -6.68 8.14 -7.53
C LEU B 139 -7.12 8.78 -6.22
N VAL B 140 -7.66 9.98 -6.28
CA VAL B 140 -8.10 10.70 -5.07
C VAL B 140 -9.63 10.63 -5.02
N HIS B 141 -10.18 10.26 -3.87
CA HIS B 141 -11.63 10.10 -3.73
C HIS B 141 -12.37 11.44 -3.68
N ARG B 142 -11.97 12.32 -2.75
CA ARG B 142 -12.53 13.66 -2.48
C ARG B 142 -13.80 13.71 -1.66
N ASP B 143 -14.52 12.59 -1.48
CA ASP B 143 -15.78 12.61 -0.74
C ASP B 143 -15.92 11.39 0.19
N LEU B 144 -14.83 11.03 0.90
CA LEU B 144 -14.88 9.89 1.82
C LEU B 144 -15.60 10.37 3.10
N ALA B 145 -16.56 9.59 3.55
CA ALA B 145 -17.41 9.85 4.70
C ALA B 145 -18.11 8.53 4.99
N ALA B 146 -18.60 8.33 6.22
CA ALA B 146 -19.30 7.09 6.55
C ALA B 146 -20.55 6.90 5.68
N ARG B 147 -21.16 7.99 5.14
CA ARG B 147 -22.31 7.85 4.25
C ARG B 147 -21.88 7.19 2.90
N ASN B 148 -20.58 7.29 2.56
CA ASN B 148 -20.00 6.74 1.34
C ASN B 148 -19.23 5.44 1.56
N VAL B 149 -19.55 4.72 2.62
CA VAL B 149 -19.05 3.38 2.84
C VAL B 149 -20.31 2.53 2.86
N LEU B 150 -20.44 1.59 1.95
CA LEU B 150 -21.60 0.70 1.88
C LEU B 150 -21.34 -0.63 2.57
N VAL B 151 -22.39 -1.25 3.14
CA VAL B 151 -22.29 -2.51 3.80
C VAL B 151 -22.69 -3.59 2.80
N LYS B 152 -21.73 -4.43 2.36
CA LYS B 152 -22.07 -5.54 1.47
C LYS B 152 -22.69 -6.64 2.35
N THR B 153 -22.01 -6.95 3.45
CA THR B 153 -22.43 -7.77 4.58
C THR B 153 -21.90 -7.08 5.83
N PRO B 154 -22.38 -7.39 7.04
CA PRO B 154 -21.82 -6.71 8.25
C PRO B 154 -20.28 -6.88 8.37
N GLN B 155 -19.74 -7.98 7.84
CA GLN B 155 -18.31 -8.26 7.86
C GLN B 155 -17.55 -7.67 6.65
N HIS B 156 -18.22 -7.04 5.69
CA HIS B 156 -17.57 -6.61 4.45
C HIS B 156 -18.14 -5.29 3.98
N VAL B 157 -17.34 -4.23 4.08
CA VAL B 157 -17.76 -2.91 3.65
C VAL B 157 -16.95 -2.47 2.44
N LYS B 158 -17.50 -1.52 1.68
CA LYS B 158 -16.88 -1.03 0.45
C LYS B 158 -17.07 0.48 0.31
N ILE B 159 -16.04 1.20 -0.13
CA ILE B 159 -16.13 2.63 -0.37
C ILE B 159 -16.87 2.86 -1.67
N THR B 160 -17.76 3.82 -1.70
CA THR B 160 -18.50 4.18 -2.90
C THR B 160 -18.26 5.65 -3.29
N ASP B 161 -18.83 6.04 -4.44
CA ASP B 161 -18.80 7.38 -4.99
C ASP B 161 -17.41 7.87 -5.34
N PHE B 162 -16.48 6.93 -5.64
CA PHE B 162 -15.15 7.33 -6.12
C PHE B 162 -15.32 8.04 -7.47
N GLY B 163 -14.59 9.12 -7.67
CA GLY B 163 -14.54 9.82 -8.96
C GLY B 163 -15.64 10.83 -9.25
N LEU B 164 -16.69 10.87 -8.42
CA LEU B 164 -17.81 11.75 -8.64
C LEU B 164 -17.51 13.21 -8.41
N ALA B 165 -16.78 13.54 -7.35
CA ALA B 165 -16.41 14.95 -7.09
C ALA B 165 -15.57 15.53 -8.25
N LYS B 166 -14.72 14.70 -8.86
CA LYS B 166 -13.91 15.09 -10.02
C LYS B 166 -14.77 15.21 -11.26
N LEU B 167 -15.72 14.30 -11.44
CA LEU B 167 -16.64 14.27 -12.58
C LEU B 167 -17.63 15.45 -12.60
N LEU B 168 -18.02 15.97 -11.43
CA LEU B 168 -18.99 17.06 -11.36
C LEU B 168 -18.38 18.44 -11.07
N VAL B 182 -21.14 20.96 -0.83
CA VAL B 182 -19.74 20.84 -0.43
C VAL B 182 -19.62 20.23 0.99
N PRO B 183 -18.95 19.06 1.11
CA PRO B 183 -18.86 18.39 2.42
C PRO B 183 -17.76 18.96 3.31
N ILE B 184 -17.90 20.25 3.69
CA ILE B 184 -16.93 20.98 4.50
C ILE B 184 -16.51 20.26 5.77
N LYS B 185 -17.44 19.60 6.48
CA LYS B 185 -17.11 18.97 7.76
C LYS B 185 -16.24 17.70 7.64
N TRP B 186 -16.01 17.21 6.43
CA TRP B 186 -15.11 16.07 6.18
C TRP B 186 -13.84 16.49 5.43
N MET B 187 -13.73 17.77 5.05
CA MET B 187 -12.60 18.23 4.23
C MET B 187 -11.40 18.68 4.99
N ALA B 188 -10.20 18.36 4.47
CA ALA B 188 -8.99 18.88 5.09
C ALA B 188 -8.97 20.43 4.93
N LEU B 189 -8.30 21.13 5.83
CA LEU B 189 -8.28 22.60 5.78
C LEU B 189 -7.78 23.13 4.42
N GLU B 190 -6.76 22.50 3.81
CA GLU B 190 -6.27 22.92 2.49
C GLU B 190 -7.34 22.75 1.40
N SER B 191 -8.23 21.76 1.56
CA SER B 191 -9.31 21.56 0.62
C SER B 191 -10.35 22.65 0.78
N ILE B 192 -10.65 23.07 2.03
CA ILE B 192 -11.63 24.12 2.26
C ILE B 192 -11.12 25.45 1.68
N LEU B 193 -9.85 25.77 1.94
CA LEU B 193 -9.27 27.05 1.58
C LEU B 193 -8.81 27.19 0.15
N HIS B 194 -8.15 26.16 -0.38
CA HIS B 194 -7.56 26.21 -1.70
C HIS B 194 -8.05 25.16 -2.66
N ARG B 195 -9.05 24.34 -2.28
CA ARG B 195 -9.54 23.27 -3.15
C ARG B 195 -8.43 22.33 -3.59
N ILE B 196 -7.47 22.06 -2.69
CA ILE B 196 -6.38 21.15 -2.99
C ILE B 196 -6.83 19.77 -2.48
N TYR B 197 -6.82 18.76 -3.34
CA TYR B 197 -7.25 17.41 -2.95
C TYR B 197 -6.16 16.45 -3.25
N THR B 198 -5.64 15.76 -2.23
CA THR B 198 -4.58 14.75 -2.42
C THR B 198 -4.92 13.46 -1.60
N HIS B 199 -4.08 12.43 -1.66
CA HIS B 199 -4.22 11.26 -0.79
C HIS B 199 -4.19 11.67 0.69
N GLN B 200 -3.44 12.73 1.03
CA GLN B 200 -3.38 13.20 2.41
C GLN B 200 -4.60 13.98 2.86
N SER B 201 -5.35 14.63 1.92
CA SER B 201 -6.61 15.24 2.32
C SER B 201 -7.68 14.13 2.45
N ASP B 202 -7.53 13.02 1.70
CA ASP B 202 -8.40 11.85 1.86
C ASP B 202 -8.12 11.25 3.28
N VAL B 203 -6.86 11.29 3.77
CA VAL B 203 -6.53 10.82 5.14
C VAL B 203 -7.30 11.61 6.20
N TRP B 204 -7.46 12.93 6.00
CA TRP B 204 -8.24 13.75 6.92
C TRP B 204 -9.70 13.28 6.92
N SER B 205 -10.28 13.07 5.73
CA SER B 205 -11.66 12.58 5.60
C SER B 205 -11.80 11.21 6.26
N TYR B 206 -10.77 10.37 6.17
CA TYR B 206 -10.73 9.08 6.81
C TYR B 206 -10.80 9.23 8.32
N GLY B 207 -10.08 10.19 8.90
CA GLY B 207 -10.15 10.43 10.35
C GLY B 207 -11.54 10.80 10.80
N VAL B 208 -12.23 11.67 10.01
CA VAL B 208 -13.61 12.06 10.31
C VAL B 208 -14.53 10.83 10.18
N THR B 209 -14.28 9.98 9.17
CA THR B 209 -15.07 8.76 8.98
C THR B 209 -14.97 7.82 10.16
N VAL B 210 -13.75 7.60 10.67
CA VAL B 210 -13.47 6.77 11.83
C VAL B 210 -14.20 7.38 13.05
N TRP B 211 -14.13 8.72 13.22
CA TRP B 211 -14.85 9.41 14.28
C TRP B 211 -16.38 9.15 14.16
N GLU B 212 -16.96 9.17 12.94
CA GLU B 212 -18.39 8.88 12.77
C GLU B 212 -18.72 7.47 13.25
N LEU B 213 -17.84 6.49 12.96
CA LEU B 213 -18.08 5.12 13.37
C LEU B 213 -17.96 4.94 14.85
N MET B 214 -16.92 5.52 15.46
CA MET B 214 -16.67 5.41 16.90
C MET B 214 -17.70 6.13 17.75
N THR B 215 -18.43 7.11 17.19
CA THR B 215 -19.52 7.77 17.92
C THR B 215 -20.89 7.19 17.52
N PHE B 216 -20.93 6.04 16.80
CA PHE B 216 -22.16 5.41 16.34
C PHE B 216 -23.02 6.32 15.50
N GLY B 217 -22.38 7.13 14.68
CA GLY B 217 -23.08 7.97 13.72
C GLY B 217 -23.35 9.40 14.13
N SER B 218 -22.55 9.99 15.01
CA SER B 218 -22.78 11.40 15.40
C SER B 218 -22.43 12.33 14.24
N LYS B 219 -23.05 13.51 14.23
CA LYS B 219 -22.79 14.50 13.20
C LYS B 219 -21.58 15.28 13.65
N PRO B 220 -20.52 15.34 12.82
CA PRO B 220 -19.33 16.07 13.24
C PRO B 220 -19.61 17.57 13.34
N TYR B 221 -19.06 18.24 14.37
CA TYR B 221 -19.29 19.68 14.60
C TYR B 221 -20.79 20.04 14.56
N ASP B 222 -21.64 19.25 15.24
CA ASP B 222 -23.10 19.48 15.24
C ASP B 222 -23.42 20.84 15.85
N GLY B 223 -24.30 21.58 15.19
CA GLY B 223 -24.69 22.93 15.63
C GLY B 223 -23.81 24.04 15.09
N ILE B 224 -22.59 23.70 14.64
CA ILE B 224 -21.64 24.68 14.11
C ILE B 224 -21.88 24.91 12.62
N PRO B 225 -22.04 26.18 12.19
CA PRO B 225 -22.27 26.44 10.77
C PRO B 225 -21.04 26.12 9.93
N ALA B 226 -21.25 25.61 8.70
CA ALA B 226 -20.18 25.24 7.76
C ALA B 226 -19.24 26.43 7.48
N SER B 227 -19.80 27.64 7.45
CA SER B 227 -19.05 28.88 7.24
C SER B 227 -18.02 29.14 8.35
N GLU B 228 -18.23 28.60 9.55
CA GLU B 228 -17.31 28.79 10.66
C GLU B 228 -16.23 27.71 10.81
N ILE B 229 -16.33 26.61 10.06
CA ILE B 229 -15.42 25.48 10.20
C ILE B 229 -13.94 25.81 9.95
N SER B 230 -13.59 26.55 8.88
CA SER B 230 -12.17 26.85 8.64
C SER B 230 -11.51 27.64 9.79
N SER B 231 -12.24 28.56 10.42
CA SER B 231 -11.68 29.33 11.54
C SER B 231 -11.46 28.47 12.80
N ILE B 232 -12.39 27.56 13.09
CA ILE B 232 -12.26 26.62 14.21
C ILE B 232 -11.03 25.74 14.03
N LEU B 233 -10.83 25.19 12.80
CA LEU B 233 -9.66 24.36 12.51
C LEU B 233 -8.38 25.16 12.61
N GLU B 234 -8.41 26.43 12.13
CA GLU B 234 -7.25 27.32 12.21
C GLU B 234 -6.89 27.59 13.68
N LYS B 235 -7.90 27.76 14.54
CA LYS B 235 -7.73 27.95 15.99
C LYS B 235 -7.13 26.72 16.71
N GLY B 236 -7.12 25.57 16.04
CA GLY B 236 -6.56 24.35 16.60
C GLY B 236 -7.57 23.38 17.19
N GLU B 237 -8.86 23.70 17.10
CA GLU B 237 -9.91 22.85 17.63
C GLU B 237 -10.17 21.68 16.69
N ARG B 238 -10.49 20.53 17.27
CA ARG B 238 -10.77 19.32 16.49
C ARG B 238 -12.02 18.60 17.07
N LEU B 239 -12.48 17.53 16.41
CA LEU B 239 -13.59 16.74 16.90
C LEU B 239 -13.24 16.10 18.25
N PRO B 240 -14.21 15.97 19.18
CA PRO B 240 -13.89 15.47 20.52
C PRO B 240 -13.69 13.97 20.61
N GLN B 241 -12.94 13.51 21.62
CA GLN B 241 -12.68 12.08 21.83
C GLN B 241 -13.97 11.29 22.03
N PRO B 242 -14.27 10.32 21.17
CA PRO B 242 -15.49 9.51 21.36
C PRO B 242 -15.40 8.75 22.69
N PRO B 243 -16.52 8.60 23.39
CA PRO B 243 -16.52 7.89 24.70
C PRO B 243 -15.92 6.47 24.71
N ILE B 244 -16.01 5.72 23.60
CA ILE B 244 -15.46 4.35 23.56
C ILE B 244 -13.99 4.32 23.19
N CYS B 245 -13.42 5.42 22.69
CA CYS B 245 -12.04 5.43 22.25
C CYS B 245 -11.03 5.57 23.33
N THR B 246 -10.03 4.71 23.32
CA THR B 246 -8.89 4.89 24.21
C THR B 246 -8.00 6.00 23.59
N ILE B 247 -7.09 6.55 24.39
CA ILE B 247 -6.20 7.61 23.94
C ILE B 247 -5.38 7.23 22.69
N ASP B 248 -4.95 5.96 22.54
CA ASP B 248 -4.17 5.54 21.36
C ASP B 248 -5.00 5.69 20.09
N VAL B 249 -6.30 5.34 20.13
CA VAL B 249 -7.18 5.46 18.98
C VAL B 249 -7.44 6.92 18.70
N TYR B 250 -7.76 7.72 19.74
CA TYR B 250 -8.01 9.14 19.52
C TYR B 250 -6.79 9.85 18.95
N MET B 251 -5.59 9.44 19.35
CA MET B 251 -4.37 10.07 18.83
C MET B 251 -4.18 9.78 17.35
N ILE B 252 -4.65 8.60 16.86
CA ILE B 252 -4.59 8.28 15.44
C ILE B 252 -5.50 9.23 14.67
N MET B 253 -6.72 9.46 15.18
CA MET B 253 -7.67 10.39 14.57
C MET B 253 -7.09 11.81 14.54
N ARG B 254 -6.50 12.26 15.66
CA ARG B 254 -5.89 13.60 15.71
C ARG B 254 -4.73 13.74 14.71
N LYS B 255 -3.97 12.67 14.49
CA LYS B 255 -2.87 12.70 13.55
C LYS B 255 -3.44 12.93 12.11
N CYS B 256 -4.62 12.36 11.80
CA CYS B 256 -5.25 12.58 10.48
C CYS B 256 -5.65 14.04 10.25
N TRP B 257 -5.79 14.83 11.32
CA TRP B 257 -6.25 16.20 11.24
C TRP B 257 -5.17 17.23 11.50
N MET B 258 -3.91 16.89 11.29
CA MET B 258 -2.81 17.83 11.43
C MET B 258 -2.82 18.77 10.24
N ILE B 259 -2.45 20.04 10.46
CA ILE B 259 -2.41 21.04 9.40
C ILE B 259 -1.45 20.66 8.32
N ASP B 260 -0.28 20.16 8.71
CA ASP B 260 0.72 19.71 7.74
C ASP B 260 0.26 18.37 7.16
N ALA B 261 -0.11 18.36 5.87
CA ALA B 261 -0.59 17.16 5.18
C ALA B 261 0.43 16.02 5.26
N ASP B 262 1.72 16.36 5.12
CA ASP B 262 2.77 15.35 5.20
C ASP B 262 2.97 14.76 6.60
N SER B 263 2.45 15.42 7.64
CA SER B 263 2.52 14.89 9.00
C SER B 263 1.37 13.93 9.32
N ARG B 264 0.36 13.80 8.43
CA ARG B 264 -0.74 12.88 8.63
C ARG B 264 -0.25 11.45 8.35
N PRO B 265 -0.90 10.43 8.95
CA PRO B 265 -0.50 9.05 8.64
C PRO B 265 -0.77 8.71 7.16
N LYS B 266 -0.16 7.64 6.67
CA LYS B 266 -0.42 7.14 5.33
C LYS B 266 -1.50 6.04 5.45
N PHE B 267 -2.25 5.77 4.36
CA PHE B 267 -3.26 4.68 4.42
C PHE B 267 -2.59 3.34 4.72
N ARG B 268 -1.40 3.11 4.17
CA ARG B 268 -0.67 1.85 4.41
C ARG B 268 -0.36 1.66 5.91
N GLU B 269 -0.04 2.74 6.63
CA GLU B 269 0.23 2.73 8.07
C GLU B 269 -1.05 2.58 8.91
N LEU B 270 -2.17 3.12 8.40
CA LEU B 270 -3.45 3.01 9.08
C LEU B 270 -3.95 1.56 9.00
N ILE B 271 -3.65 0.82 7.90
CA ILE B 271 -4.01 -0.60 7.78
C ILE B 271 -3.27 -1.35 8.92
N ILE B 272 -1.98 -1.06 9.08
CA ILE B 272 -1.10 -1.68 10.09
C ILE B 272 -1.56 -1.39 11.49
N GLU B 273 -1.82 -0.12 11.83
CA GLU B 273 -2.26 0.27 13.16
C GLU B 273 -3.61 -0.34 13.54
N PHE B 274 -4.62 -0.22 12.67
CA PHE B 274 -5.93 -0.76 12.97
C PHE B 274 -5.95 -2.29 12.98
N SER B 275 -5.10 -2.94 12.15
CA SER B 275 -5.02 -4.41 12.15
C SER B 275 -4.40 -4.88 13.47
N LYS B 276 -3.41 -4.15 14.00
CA LYS B 276 -2.79 -4.47 15.29
C LYS B 276 -3.86 -4.33 16.40
N MET B 277 -4.64 -3.24 16.37
CA MET B 277 -5.68 -3.02 17.35
C MET B 277 -6.78 -4.09 17.28
N ALA B 278 -7.10 -4.55 16.07
CA ALA B 278 -8.10 -5.60 15.87
C ALA B 278 -7.65 -6.94 16.45
N ARG B 279 -6.33 -7.16 16.65
CA ARG B 279 -5.85 -8.39 17.26
C ARG B 279 -6.05 -8.39 18.80
N ASP B 280 -6.25 -7.22 19.44
CA ASP B 280 -6.49 -7.11 20.91
C ASP B 280 -7.54 -5.99 21.07
N PRO B 281 -8.78 -6.21 20.61
CA PRO B 281 -9.74 -5.11 20.49
C PRO B 281 -10.19 -4.43 21.78
N GLN B 282 -10.34 -5.20 22.87
CA GLN B 282 -10.74 -4.61 24.15
C GLN B 282 -9.70 -3.68 24.74
N ARG B 283 -8.44 -3.79 24.32
CA ARG B 283 -7.40 -2.89 24.79
C ARG B 283 -7.52 -1.49 24.15
N TYR B 284 -8.20 -1.38 22.98
CA TYR B 284 -8.25 -0.12 22.26
C TYR B 284 -9.61 0.55 22.25
N LEU B 285 -10.68 -0.20 22.43
CA LEU B 285 -12.01 0.37 22.52
C LEU B 285 -12.70 -0.16 23.79
N VAL B 286 -13.54 0.67 24.43
CA VAL B 286 -14.24 0.27 25.62
C VAL B 286 -15.73 0.35 25.35
N ILE B 287 -16.37 -0.81 25.17
CA ILE B 287 -17.78 -0.87 24.85
C ILE B 287 -18.53 -1.69 25.88
N GLN B 288 -19.66 -1.17 26.38
CA GLN B 288 -20.44 -1.90 27.38
C GLN B 288 -21.00 -3.19 26.79
N GLY B 289 -20.67 -4.32 27.40
CA GLY B 289 -21.15 -5.62 26.95
C GLY B 289 -20.44 -6.16 25.74
N ASP B 290 -19.17 -5.78 25.56
CA ASP B 290 -18.36 -6.18 24.43
C ASP B 290 -17.98 -7.66 24.38
N GLU B 291 -17.90 -8.30 25.55
CA GLU B 291 -17.53 -9.71 25.69
C GLU B 291 -18.49 -10.68 24.97
N ARG B 292 -19.76 -10.29 24.79
CA ARG B 292 -20.72 -11.15 24.09
C ARG B 292 -20.92 -10.79 22.60
N MET B 293 -20.20 -9.76 22.10
CA MET B 293 -20.28 -9.33 20.71
C MET B 293 -18.96 -9.71 20.03
N HIS B 294 -18.94 -10.85 19.33
CA HIS B 294 -17.71 -11.31 18.65
C HIS B 294 -17.94 -11.45 17.13
N LEU B 295 -16.84 -11.60 16.36
CA LEU B 295 -16.93 -11.78 14.91
C LEU B 295 -17.71 -13.08 14.59
N PRO B 296 -18.29 -13.22 13.38
CA PRO B 296 -19.04 -14.43 13.09
C PRO B 296 -18.16 -15.66 13.07
N SER B 297 -18.70 -16.77 13.55
CA SER B 297 -17.99 -18.04 13.53
C SER B 297 -17.73 -18.46 12.05
N PRO B 298 -16.81 -19.39 11.77
CA PRO B 298 -16.61 -19.82 10.37
C PRO B 298 -17.92 -20.24 9.67
N THR B 299 -18.84 -20.91 10.40
CA THR B 299 -20.13 -21.36 9.86
C THR B 299 -21.03 -20.20 9.34
N ASP B 300 -21.17 -19.15 10.14
CA ASP B 300 -22.01 -18.02 9.76
C ASP B 300 -21.39 -17.18 8.66
N SER B 301 -20.07 -17.03 8.70
CA SER B 301 -19.36 -16.27 7.68
C SER B 301 -19.47 -16.98 6.32
N ASN B 302 -19.32 -18.32 6.31
CA ASN B 302 -19.43 -19.11 5.09
C ASN B 302 -20.82 -19.02 4.44
N PHE B 303 -21.89 -19.03 5.25
CA PHE B 303 -23.28 -18.96 4.75
C PHE B 303 -23.55 -17.62 4.08
N TYR B 304 -23.13 -16.50 4.73
CA TYR B 304 -23.27 -15.16 4.18
C TYR B 304 -22.57 -15.06 2.80
N ARG B 305 -21.32 -15.53 2.72
CA ARG B 305 -20.55 -15.44 1.48
C ARG B 305 -21.16 -16.27 0.37
N ALA B 306 -21.61 -17.50 0.69
CA ALA B 306 -22.21 -18.36 -0.34
C ALA B 306 -23.50 -17.77 -0.90
N LEU B 307 -24.24 -16.98 -0.12
CA LEU B 307 -25.49 -16.37 -0.58
C LEU B 307 -25.37 -15.02 -1.28
N MET B 308 -24.55 -14.10 -0.74
CA MET B 308 -24.49 -12.75 -1.30
C MET B 308 -23.11 -12.11 -1.41
N ASP B 309 -22.02 -12.87 -1.18
CA ASP B 309 -20.69 -12.28 -1.23
C ASP B 309 -19.65 -13.30 -1.65
N GLU B 310 -19.70 -13.72 -2.91
CA GLU B 310 -18.79 -14.77 -3.40
C GLU B 310 -17.44 -14.23 -3.87
N GLU B 311 -17.21 -12.90 -3.89
CA GLU B 311 -15.94 -12.35 -4.39
C GLU B 311 -14.73 -12.61 -3.48
N ASP B 312 -13.51 -12.64 -4.07
CA ASP B 312 -12.25 -12.83 -3.35
C ASP B 312 -12.04 -11.64 -2.41
N MET B 313 -11.58 -11.88 -1.17
CA MET B 313 -11.39 -10.82 -0.18
C MET B 313 -10.45 -11.31 0.91
N ASP B 314 -9.59 -10.42 1.43
CA ASP B 314 -8.68 -10.73 2.54
C ASP B 314 -9.53 -11.06 3.78
N ASP B 315 -9.13 -12.08 4.56
CA ASP B 315 -9.87 -12.46 5.76
C ASP B 315 -9.94 -11.33 6.78
N VAL B 316 -10.98 -11.34 7.62
CA VAL B 316 -11.08 -10.35 8.69
C VAL B 316 -10.05 -10.65 9.77
N VAL B 317 -9.59 -9.62 10.47
CA VAL B 317 -8.58 -9.79 11.51
C VAL B 317 -9.23 -10.26 12.79
N ASP B 318 -8.89 -11.47 13.21
CA ASP B 318 -9.43 -12.00 14.46
C ASP B 318 -8.49 -11.69 15.64
N ALA B 319 -9.05 -11.59 16.84
CA ALA B 319 -8.32 -11.36 18.07
C ALA B 319 -7.39 -12.53 18.40
N ASP B 320 -6.21 -12.23 18.95
CA ASP B 320 -5.25 -13.24 19.36
C ASP B 320 -5.81 -14.01 20.57
#